data_7BTZ
#
_entry.id   7BTZ
#
_cell.length_a   57.913
_cell.length_b   69.931
_cell.length_c   127.270
_cell.angle_alpha   90.000
_cell.angle_beta   90.000
_cell.angle_gamma   90.000
#
_symmetry.space_group_name_H-M   'P 21 21 21'
#
loop_
_entity.id
_entity.type
_entity.pdbx_description
1 polymer 'Putative tRNA (Adenine(37)-N6)-methyltransferase'
2 non-polymer S-ADENOSYL-L-HOMOCYSTEINE
3 water water
#
_entity_poly.entity_id   1
_entity_poly.type   'polypeptide(L)'
_entity_poly.pdbx_seq_one_letter_code
;GSEFELMTHSVSPIGYIRSCFMEKFAIPRQPLLAPAARGTLELLPPFDQVEALEGLEQVSHVWLLFLFHQALEDKPRLKV
RPPRLGGNRSLGVFATRATHRPNGIGQSVVRLEGFEAGRLWLSGIDLLDGTPVLDIKPYVPYADAVADARNGIADAPPPG
IAVEWSEQARRQAHEHGQRLRQPVAELIEQCLAQDPRPAYQKPEPGRRYGVRLWDLDVHWHYPRPDLIRVLDVAGGD
;
_entity_poly.pdbx_strand_id   A,B
#
# COMPACT_ATOMS: atom_id res chain seq x y z
N PHE A 4 9.82 -12.46 25.75
CA PHE A 4 8.45 -12.95 25.85
C PHE A 4 7.47 -11.80 26.04
N GLU A 5 7.96 -10.56 25.98
CA GLU A 5 7.13 -9.38 26.10
C GLU A 5 6.88 -8.76 24.73
N LEU A 6 5.74 -8.11 24.60
CA LEU A 6 5.34 -7.55 23.31
C LEU A 6 6.13 -6.27 23.02
N MET A 7 6.74 -6.23 21.84
CA MET A 7 7.37 -5.01 21.36
C MET A 7 6.31 -3.95 21.09
N THR A 8 6.59 -2.71 21.47
CA THR A 8 5.70 -1.59 21.20
C THR A 8 6.45 -0.47 20.51
N HIS A 9 5.76 0.19 19.57
CA HIS A 9 6.33 1.27 18.78
C HIS A 9 5.33 2.43 18.76
N SER A 10 5.81 3.64 19.02
CA SER A 10 4.97 4.81 19.06
C SER A 10 5.06 5.55 17.73
N VAL A 11 3.89 5.88 17.16
CA VAL A 11 3.79 6.69 15.96
C VAL A 11 3.00 7.93 16.30
N SER A 12 3.24 8.99 15.55
CA SER A 12 2.55 10.26 15.72
C SER A 12 2.23 10.84 14.35
N PRO A 13 1.12 11.56 14.23
CA PRO A 13 0.71 12.07 12.91
C PRO A 13 1.73 13.06 12.36
N ILE A 14 1.97 12.97 11.05
CA ILE A 14 2.71 14.04 10.37
C ILE A 14 1.80 15.17 9.95
N GLY A 15 0.48 14.94 9.97
CA GLY A 15 -0.48 15.94 9.57
C GLY A 15 -1.88 15.36 9.67
N TYR A 16 -2.86 16.18 9.32
CA TYR A 16 -4.26 15.78 9.38
C TYR A 16 -4.95 16.07 8.06
N ILE A 17 -5.92 15.24 7.73
CA ILE A 17 -6.67 15.37 6.47
C ILE A 17 -7.82 16.34 6.68
N ARG A 18 -7.99 17.26 5.73
CA ARG A 18 -9.21 18.04 5.61
C ARG A 18 -9.99 17.49 4.43
N SER A 19 -11.21 17.00 4.67
CA SER A 19 -11.92 16.18 3.70
C SER A 19 -13.34 16.67 3.49
N CYS A 20 -13.80 16.56 2.24
CA CYS A 20 -15.21 16.67 1.92
C CYS A 20 -16.08 15.78 2.81
N PHE A 21 -15.62 14.56 3.08
CA PHE A 21 -16.46 13.55 3.73
C PHE A 21 -16.43 13.71 5.26
N MET A 22 -17.63 13.77 5.86
CA MET A 22 -17.75 13.83 7.31
C MET A 22 -18.26 12.54 7.95
N GLU A 23 -18.79 11.61 7.17
CA GLU A 23 -19.30 10.36 7.71
C GLU A 23 -18.97 9.24 6.74
N LYS A 24 -19.09 7.99 7.20
CA LYS A 24 -18.68 6.88 6.37
C LYS A 24 -19.69 6.60 5.26
N PHE A 25 -20.94 7.00 5.42
CA PHE A 25 -21.97 6.66 4.45
C PHE A 25 -21.75 7.36 3.12
N ALA A 26 -21.98 6.63 2.03
CA ALA A 26 -21.87 7.08 0.65
C ALA A 26 -20.46 7.43 0.20
N ILE A 27 -19.45 7.15 1.02
CA ILE A 27 -18.08 7.32 0.53
C ILE A 27 -17.91 6.31 -0.60
N PRO A 28 -17.57 6.75 -1.80
CA PRO A 28 -17.61 5.83 -2.95
C PRO A 28 -16.66 4.66 -2.77
N ARG A 29 -17.10 3.49 -3.24
CA ARG A 29 -16.28 2.28 -3.12
C ARG A 29 -15.06 2.34 -4.03
N GLN A 30 -15.15 3.08 -5.13
CA GLN A 30 -14.03 3.27 -6.06
C GLN A 30 -13.70 4.76 -6.06
N PRO A 31 -12.97 5.24 -5.05
CA PRO A 31 -12.78 6.69 -4.91
C PRO A 31 -12.00 7.33 -6.04
N LEU A 32 -11.10 6.58 -6.68
CA LEU A 32 -10.30 7.16 -7.75
C LEU A 32 -11.12 7.46 -8.99
N LEU A 33 -12.32 6.90 -9.12
CA LEU A 33 -13.23 7.29 -10.18
C LEU A 33 -14.08 8.49 -9.79
N ALA A 34 -13.84 9.06 -8.61
CA ALA A 34 -14.54 10.25 -8.12
C ALA A 34 -13.53 11.37 -7.94
N PRO A 35 -13.10 12.00 -9.03
CA PRO A 35 -12.07 13.07 -8.92
C PRO A 35 -12.53 14.29 -8.14
N ALA A 36 -13.84 14.52 -8.02
CA ALA A 36 -14.34 15.64 -7.22
C ALA A 36 -14.22 15.39 -5.72
N ALA A 37 -13.96 14.16 -5.28
CA ALA A 37 -13.72 13.91 -3.86
C ALA A 37 -12.36 14.47 -3.49
N ARG A 38 -12.32 15.73 -3.08
CA ARG A 38 -11.07 16.44 -2.90
C ARG A 38 -10.82 16.74 -1.42
N GLY A 39 -9.55 16.89 -1.08
CA GLY A 39 -9.17 17.24 0.28
C GLY A 39 -7.72 17.65 0.32
N THR A 40 -7.29 18.08 1.50
CA THR A 40 -5.90 18.49 1.71
C THR A 40 -5.33 17.77 2.91
N LEU A 41 -4.01 17.59 2.88
CA LEU A 41 -3.24 17.10 4.00
C LEU A 41 -2.46 18.28 4.57
N GLU A 42 -2.83 18.72 5.76
CA GLU A 42 -2.13 19.81 6.43
C GLU A 42 -1.00 19.24 7.26
N LEU A 43 0.24 19.49 6.84
CA LEU A 43 1.39 18.88 7.49
C LEU A 43 1.79 19.67 8.72
N LEU A 44 2.11 18.95 9.80
CA LEU A 44 2.58 19.57 11.03
C LEU A 44 4.10 19.70 11.01
N PRO A 45 4.66 20.66 11.75
CA PRO A 45 6.12 20.80 11.78
C PRO A 45 6.75 19.58 12.44
N PRO A 46 8.01 19.25 12.09
CA PRO A 46 8.88 19.79 11.04
C PRO A 46 8.61 19.24 9.64
N PHE A 47 7.47 18.60 9.40
CA PHE A 47 7.24 17.99 8.10
C PHE A 47 6.56 18.95 7.14
N ASP A 48 6.41 20.22 7.51
CA ASP A 48 5.78 21.24 6.69
C ASP A 48 6.78 21.98 5.82
N GLN A 49 8.04 21.54 5.79
CA GLN A 49 9.05 22.20 4.99
C GLN A 49 9.04 21.64 3.57
N VAL A 50 9.14 22.55 2.60
CA VAL A 50 9.09 22.19 1.19
C VAL A 50 10.18 21.17 0.82
N GLU A 51 11.27 21.12 1.60
CA GLU A 51 12.35 20.17 1.31
C GLU A 51 11.85 18.73 1.32
N ALA A 52 10.98 18.39 2.27
CA ALA A 52 10.51 17.02 2.41
C ALA A 52 9.62 16.58 1.26
N LEU A 53 9.23 17.49 0.37
CA LEU A 53 8.33 17.18 -0.72
C LEU A 53 9.00 17.18 -2.08
N GLU A 54 10.28 17.56 -2.15
CA GLU A 54 10.95 17.74 -3.43
C GLU A 54 10.95 16.43 -4.22
N GLY A 55 10.48 16.51 -5.47
CA GLY A 55 10.37 15.35 -6.33
C GLY A 55 8.94 14.91 -6.55
N LEU A 56 8.02 15.24 -5.64
CA LEU A 56 6.64 14.84 -5.81
C LEU A 56 6.00 15.47 -7.04
N GLU A 57 6.63 16.50 -7.61
CA GLU A 57 6.15 17.07 -8.86
C GLU A 57 6.17 16.07 -10.00
N GLN A 58 6.91 14.97 -9.86
CA GLN A 58 6.99 13.94 -10.87
C GLN A 58 6.14 12.72 -10.53
N VAL A 59 5.35 12.78 -9.47
CA VAL A 59 4.57 11.64 -8.99
C VAL A 59 3.10 12.02 -9.00
N SER A 60 2.29 11.23 -9.69
CA SER A 60 0.87 11.54 -9.85
C SER A 60 0.02 11.05 -8.69
N HIS A 61 0.41 9.96 -8.05
CA HIS A 61 -0.38 9.35 -6.99
C HIS A 61 0.51 9.06 -5.79
N VAL A 62 -0.08 9.14 -4.60
CA VAL A 62 0.66 8.91 -3.37
C VAL A 62 -0.13 7.97 -2.48
N TRP A 63 0.59 7.12 -1.76
CA TRP A 63 0.03 6.35 -0.67
C TRP A 63 0.01 7.20 0.59
N LEU A 64 -1.09 7.12 1.33
CA LEU A 64 -1.18 7.68 2.67
C LEU A 64 -1.42 6.53 3.64
N LEU A 65 -0.56 6.40 4.64
CA LEU A 65 -0.81 5.55 5.79
C LEU A 65 -1.40 6.43 6.89
N PHE A 66 -2.53 6.01 7.46
CA PHE A 66 -3.27 6.86 8.37
C PHE A 66 -3.87 6.03 9.49
N LEU A 67 -4.45 6.72 10.47
CA LEU A 67 -5.11 6.08 11.59
C LEU A 67 -6.62 6.11 11.39
N PHE A 68 -7.27 4.97 11.61
CA PHE A 68 -8.72 4.91 11.59
C PHE A 68 -9.24 5.55 12.87
N HIS A 69 -9.14 6.88 12.98
CA HIS A 69 -9.43 7.57 14.23
C HIS A 69 -10.91 7.52 14.59
N GLN A 70 -11.77 7.19 13.63
CA GLN A 70 -13.19 7.01 13.88
C GLN A 70 -13.53 5.57 14.25
N ALA A 71 -12.59 4.87 14.89
CA ALA A 71 -12.77 3.49 15.33
C ALA A 71 -13.13 2.57 14.18
N PRO A 76 -11.85 -6.75 16.25
CA PRO A 76 -11.89 -8.20 16.38
C PRO A 76 -11.19 -8.86 15.20
N ARG A 77 -11.29 -10.20 15.14
CA ARG A 77 -10.69 -10.98 14.07
C ARG A 77 -11.74 -11.68 13.20
N LEU A 78 -13.01 -11.34 13.36
CA LEU A 78 -14.09 -12.06 12.70
C LEU A 78 -14.72 -11.34 11.53
N LYS A 79 -14.72 -10.01 11.53
CA LYS A 79 -15.28 -9.14 10.46
C LYS A 79 -16.20 -9.83 9.45
N LEU A 91 -13.96 -13.01 5.37
CA LEU A 91 -14.42 -13.16 6.75
C LEU A 91 -13.30 -12.89 7.76
N GLY A 92 -12.12 -13.46 7.54
CA GLY A 92 -10.99 -13.13 8.40
C GLY A 92 -10.57 -11.68 8.22
N VAL A 93 -10.17 -11.04 9.33
CA VAL A 93 -9.84 -9.62 9.29
C VAL A 93 -8.73 -9.35 8.27
N PHE A 94 -7.76 -10.25 8.17
CA PHE A 94 -6.63 -10.03 7.27
C PHE A 94 -6.97 -10.32 5.81
N ALA A 95 -8.15 -10.84 5.52
CA ALA A 95 -8.60 -11.01 4.15
C ALA A 95 -9.46 -9.84 3.68
N THR A 96 -9.55 -8.79 4.49
CA THR A 96 -10.40 -7.64 4.21
C THR A 96 -9.62 -6.35 4.46
N ARG A 97 -10.21 -5.24 3.99
CA ARG A 97 -9.71 -3.91 4.27
C ARG A 97 -10.53 -3.21 5.36
N ALA A 98 -11.13 -3.99 6.25
CA ALA A 98 -12.01 -3.44 7.29
C ALA A 98 -11.29 -2.39 8.12
N THR A 99 -12.07 -1.40 8.60
CA THR A 99 -11.52 -0.27 9.34
C THR A 99 -11.22 -0.61 10.80
N HIS A 100 -11.82 -1.66 11.35
CA HIS A 100 -11.55 -2.10 12.71
C HIS A 100 -10.58 -3.28 12.60
N ARG A 101 -9.30 -3.03 12.84
CA ARG A 101 -8.29 -4.04 12.62
C ARG A 101 -7.13 -3.79 13.57
N PRO A 102 -6.32 -4.81 13.85
CA PRO A 102 -5.17 -4.63 14.75
C PRO A 102 -4.28 -3.48 14.31
N ASN A 103 -3.87 -2.67 15.30
CA ASN A 103 -3.00 -1.51 15.13
C ASN A 103 -3.70 -0.34 14.43
N GLY A 104 -4.85 -0.59 13.81
CA GLY A 104 -5.71 0.48 13.33
C GLY A 104 -5.10 1.40 12.29
N ILE A 105 -4.36 0.86 11.33
CA ILE A 105 -3.69 1.65 10.31
C ILE A 105 -4.39 1.43 8.97
N GLY A 106 -4.71 2.54 8.29
CA GLY A 106 -5.29 2.47 6.96
C GLY A 106 -4.31 2.80 5.87
N GLN A 107 -4.64 2.41 4.63
CA GLN A 107 -3.75 2.59 3.49
C GLN A 107 -4.60 2.93 2.28
N SER A 108 -4.43 4.14 1.74
CA SER A 108 -5.17 4.57 0.57
C SER A 108 -4.23 5.23 -0.42
N VAL A 109 -4.48 5.02 -1.70
CA VAL A 109 -3.78 5.70 -2.76
C VAL A 109 -4.71 6.80 -3.28
N VAL A 110 -4.21 8.03 -3.30
CA VAL A 110 -5.00 9.18 -3.74
C VAL A 110 -4.22 9.88 -4.84
N ARG A 111 -4.93 10.65 -5.65
CA ARG A 111 -4.28 11.42 -6.69
C ARG A 111 -3.75 12.72 -6.09
N LEU A 112 -2.51 13.05 -6.40
CA LEU A 112 -1.84 14.25 -5.90
C LEU A 112 -2.00 15.34 -6.96
N GLU A 113 -2.80 16.37 -6.64
CA GLU A 113 -3.05 17.46 -7.57
C GLU A 113 -2.00 18.56 -7.47
N GLY A 114 -1.28 18.65 -6.37
CA GLY A 114 -0.30 19.69 -6.17
C GLY A 114 0.08 19.77 -4.71
N PHE A 115 1.11 20.59 -4.43
CA PHE A 115 1.60 20.69 -3.06
C PHE A 115 2.33 22.01 -2.88
N GLU A 116 2.41 22.41 -1.61
CA GLU A 116 3.23 23.54 -1.18
C GLU A 116 3.86 23.17 0.15
N ALA A 117 4.55 24.14 0.75
CA ALA A 117 5.07 23.97 2.09
C ALA A 117 3.92 23.69 3.06
N GLY A 118 3.84 22.47 3.55
CA GLY A 118 2.84 22.13 4.55
C GLY A 118 1.45 21.88 4.03
N ARG A 119 1.29 21.55 2.75
CA ARG A 119 -0.03 21.23 2.22
C ARG A 119 0.10 20.38 0.96
N LEU A 120 -0.68 19.31 0.91
CA LEU A 120 -0.85 18.50 -0.28
C LEU A 120 -2.31 18.58 -0.73
N TRP A 121 -2.53 18.73 -2.04
CA TRP A 121 -3.86 18.72 -2.62
C TRP A 121 -4.16 17.33 -3.18
N LEU A 122 -5.23 16.73 -2.71
CA LEU A 122 -5.54 15.34 -3.01
C LEU A 122 -6.86 15.25 -3.75
N SER A 123 -6.97 14.22 -4.58
CA SER A 123 -8.15 13.96 -5.38
C SER A 123 -8.47 12.48 -5.28
N GLY A 124 -9.75 12.15 -5.39
CA GLY A 124 -10.17 10.77 -5.29
C GLY A 124 -9.94 10.13 -3.94
N ILE A 125 -10.12 10.90 -2.86
CA ILE A 125 -9.83 10.38 -1.52
C ILE A 125 -11.00 9.55 -1.01
N ASP A 126 -10.70 8.67 -0.06
CA ASP A 126 -11.72 7.94 0.69
C ASP A 126 -11.58 8.17 2.19
N LEU A 127 -10.97 9.29 2.58
CA LEU A 127 -10.58 9.54 3.96
C LEU A 127 -11.57 10.46 4.66
N LEU A 128 -11.89 10.13 5.90
CA LEU A 128 -12.76 10.98 6.70
C LEU A 128 -12.05 12.26 7.10
N ASP A 129 -12.84 13.33 7.25
CA ASP A 129 -12.29 14.59 7.73
C ASP A 129 -11.66 14.39 9.10
N GLY A 130 -10.49 15.00 9.28
CA GLY A 130 -9.74 14.85 10.52
C GLY A 130 -8.86 13.62 10.61
N THR A 131 -8.68 12.90 9.51
CA THR A 131 -7.91 11.67 9.55
C THR A 131 -6.44 11.97 9.86
N PRO A 132 -5.88 11.40 10.92
CA PRO A 132 -4.45 11.61 11.20
C PRO A 132 -3.60 10.75 10.27
N VAL A 133 -2.69 11.38 9.55
CA VAL A 133 -1.86 10.71 8.56
C VAL A 133 -0.50 10.44 9.17
N LEU A 134 0.00 9.21 8.97
CA LEU A 134 1.28 8.79 9.51
C LEU A 134 2.42 8.87 8.50
N ASP A 135 2.14 8.72 7.21
CA ASP A 135 3.22 8.61 6.24
C ASP A 135 2.70 8.98 4.87
N ILE A 136 3.60 9.49 4.03
CA ILE A 136 3.35 9.72 2.61
C ILE A 136 4.36 8.91 1.83
N LYS A 137 3.88 8.05 0.94
CA LYS A 137 4.74 7.31 0.04
C LYS A 137 4.35 7.57 -1.40
N PRO A 138 5.32 7.78 -2.29
CA PRO A 138 4.99 7.91 -3.71
C PRO A 138 4.51 6.59 -4.27
N TYR A 139 3.51 6.66 -5.13
CA TYR A 139 3.06 5.46 -5.84
C TYR A 139 4.11 5.08 -6.87
N VAL A 140 4.54 3.82 -6.85
CA VAL A 140 5.57 3.35 -7.76
C VAL A 140 4.99 2.25 -8.65
N PRO A 141 4.67 2.54 -9.91
CA PRO A 141 3.90 1.57 -10.72
C PRO A 141 4.54 0.20 -10.86
N TYR A 142 5.84 0.13 -11.19
CA TYR A 142 6.45 -1.18 -11.39
C TYR A 142 6.43 -2.02 -10.11
N ALA A 143 6.30 -1.38 -8.95
CA ALA A 143 6.28 -2.08 -7.67
C ALA A 143 4.89 -2.22 -7.07
N ASP A 144 3.99 -1.24 -7.30
CA ASP A 144 2.69 -1.23 -6.65
C ASP A 144 1.56 -1.76 -7.53
N ALA A 145 1.69 -1.71 -8.85
CA ALA A 145 0.65 -2.14 -9.77
C ALA A 145 0.93 -3.58 -10.20
N VAL A 146 0.26 -4.53 -9.56
CA VAL A 146 0.44 -5.95 -9.85
C VAL A 146 -0.58 -6.37 -10.89
N ALA A 147 -0.12 -6.59 -12.13
CA ALA A 147 -1.05 -6.90 -13.21
C ALA A 147 -1.69 -8.28 -13.03
N ASP A 148 -0.92 -9.26 -12.56
CA ASP A 148 -1.40 -10.63 -12.43
C ASP A 148 -2.16 -10.89 -11.12
N ALA A 149 -2.37 -9.87 -10.28
CA ALA A 149 -3.02 -10.07 -9.00
C ALA A 149 -4.49 -10.47 -9.19
N ARG A 150 -4.94 -11.41 -8.35
CA ARG A 150 -6.34 -11.80 -8.29
C ARG A 150 -6.85 -11.65 -6.87
N ASN A 151 -8.15 -11.35 -6.75
CA ASN A 151 -8.80 -11.24 -5.45
C ASN A 151 -10.26 -11.64 -5.65
N GLY A 152 -10.59 -12.87 -5.23
CA GLY A 152 -11.96 -13.32 -5.32
C GLY A 152 -12.84 -12.83 -4.18
N ILE A 153 -12.26 -12.67 -2.99
CA ILE A 153 -13.01 -12.24 -1.82
C ILE A 153 -13.25 -10.73 -1.80
N ALA A 154 -12.76 -9.99 -2.78
CA ALA A 154 -12.84 -8.54 -2.73
C ALA A 154 -14.27 -8.06 -3.00
N ASP A 155 -14.53 -6.83 -2.57
CA ASP A 155 -15.76 -6.16 -2.94
C ASP A 155 -15.70 -5.81 -4.42
N ALA A 156 -16.62 -6.36 -5.20
CA ALA A 156 -16.61 -6.12 -6.64
C ALA A 156 -16.80 -4.63 -6.91
N PRO A 157 -16.11 -4.06 -7.89
CA PRO A 157 -16.28 -2.64 -8.22
C PRO A 157 -17.74 -2.33 -8.51
N PRO A 158 -18.24 -1.18 -8.06
CA PRO A 158 -19.68 -0.90 -8.16
C PRO A 158 -20.12 -0.85 -9.62
N PRO A 159 -21.32 -1.35 -9.92
CA PRO A 159 -21.77 -1.40 -11.32
C PRO A 159 -22.20 -0.04 -11.86
N GLY A 160 -22.89 0.73 -11.02
CA GLY A 160 -23.32 2.07 -11.38
C GLY A 160 -24.82 2.22 -11.52
N ILE A 161 -25.39 3.17 -10.80
CA ILE A 161 -26.82 3.47 -10.85
C ILE A 161 -27.01 4.80 -11.56
N ALA A 162 -28.16 4.96 -12.21
CA ALA A 162 -28.48 6.24 -12.84
C ALA A 162 -28.86 7.28 -11.78
N VAL A 163 -28.44 8.52 -12.01
CA VAL A 163 -28.69 9.63 -11.09
C VAL A 163 -29.38 10.75 -11.85
N GLU A 164 -30.50 11.22 -11.33
CA GLU A 164 -31.21 12.35 -11.91
C GLU A 164 -31.36 13.44 -10.85
N TRP A 165 -31.53 14.68 -11.32
CA TRP A 165 -31.50 15.85 -10.46
C TRP A 165 -32.83 16.57 -10.48
N SER A 166 -33.32 16.92 -9.29
CA SER A 166 -34.33 17.97 -9.20
C SER A 166 -33.72 19.30 -9.63
N GLU A 167 -34.54 20.13 -10.29
CA GLU A 167 -34.07 21.46 -10.68
C GLU A 167 -33.64 22.27 -9.47
N GLN A 168 -34.36 22.11 -8.35
CA GLN A 168 -33.97 22.80 -7.12
C GLN A 168 -32.62 22.31 -6.61
N ALA A 169 -32.45 20.99 -6.53
CA ALA A 169 -31.22 20.45 -5.95
C ALA A 169 -30.00 20.76 -6.81
N ARG A 170 -30.18 20.84 -8.14
CA ARG A 170 -29.04 21.18 -8.99
C ARG A 170 -28.69 22.66 -8.88
N ARG A 171 -29.71 23.51 -8.71
CA ARG A 171 -29.45 24.93 -8.49
C ARG A 171 -28.70 25.15 -7.18
N GLN A 172 -29.19 24.56 -6.10
CA GLN A 172 -28.53 24.70 -4.80
C GLN A 172 -27.12 24.12 -4.83
N ALA A 173 -26.93 22.99 -5.52
CA ALA A 173 -25.61 22.38 -5.55
C ALA A 173 -24.59 23.28 -6.23
N HIS A 174 -25.01 24.00 -7.26
CA HIS A 174 -24.09 24.92 -7.92
C HIS A 174 -23.91 26.22 -7.16
N GLU A 175 -24.94 26.67 -6.43
CA GLU A 175 -24.77 27.83 -5.56
C GLU A 175 -23.82 27.52 -4.40
N HIS A 176 -24.02 26.37 -3.75
CA HIS A 176 -23.08 25.97 -2.70
C HIS A 176 -21.71 25.65 -3.25
N GLY A 177 -21.63 25.22 -4.51
CA GLY A 177 -20.33 24.97 -5.11
C GLY A 177 -19.51 26.23 -5.28
N GLN A 178 -20.17 27.35 -5.60
CA GLN A 178 -19.46 28.63 -5.69
C GLN A 178 -19.09 29.14 -4.31
N ARG A 179 -20.01 29.04 -3.35
CA ARG A 179 -19.73 29.50 -1.99
C ARG A 179 -18.58 28.73 -1.38
N LEU A 180 -18.60 27.40 -1.52
CA LEU A 180 -17.54 26.56 -0.97
C LEU A 180 -16.31 26.52 -1.87
N ARG A 181 -16.43 27.00 -3.11
CA ARG A 181 -15.35 26.90 -4.09
C ARG A 181 -14.91 25.45 -4.26
N GLN A 182 -15.88 24.55 -4.35
CA GLN A 182 -15.67 23.13 -4.52
C GLN A 182 -16.61 22.61 -5.60
N PRO A 183 -16.25 21.50 -6.24
CA PRO A 183 -17.19 20.86 -7.20
C PRO A 183 -18.27 20.07 -6.47
N VAL A 184 -19.23 20.78 -5.89
CA VAL A 184 -20.23 20.13 -5.05
C VAL A 184 -21.13 19.22 -5.90
N ALA A 185 -21.65 19.74 -7.00
CA ALA A 185 -22.55 18.96 -7.85
C ALA A 185 -21.84 17.74 -8.42
N GLU A 186 -20.58 17.89 -8.85
CA GLU A 186 -19.85 16.75 -9.40
C GLU A 186 -19.64 15.68 -8.34
N LEU A 187 -19.28 16.08 -7.12
CA LEU A 187 -19.06 15.12 -6.06
C LEU A 187 -20.34 14.37 -5.73
N ILE A 188 -21.46 15.08 -5.67
CA ILE A 188 -22.75 14.45 -5.41
C ILE A 188 -23.02 13.38 -6.46
N GLU A 189 -22.85 13.74 -7.72
CA GLU A 189 -23.15 12.80 -8.80
C GLU A 189 -22.22 11.60 -8.76
N GLN A 190 -20.95 11.82 -8.44
CA GLN A 190 -19.98 10.73 -8.46
C GLN A 190 -20.18 9.77 -7.31
N CYS A 191 -20.66 10.24 -6.15
CA CYS A 191 -20.88 9.31 -5.05
C CYS A 191 -22.18 8.55 -5.22
N LEU A 192 -23.21 9.22 -5.72
CA LEU A 192 -24.49 8.56 -5.90
C LEU A 192 -24.46 7.59 -7.07
N ALA A 193 -23.70 7.90 -8.13
CA ALA A 193 -23.60 7.00 -9.27
C ALA A 193 -22.95 5.67 -8.90
N GLN A 194 -22.19 5.62 -7.82
CA GLN A 194 -21.58 4.38 -7.36
C GLN A 194 -22.50 3.61 -6.43
N ASP A 195 -23.70 4.13 -6.17
CA ASP A 195 -24.75 3.49 -5.39
C ASP A 195 -24.32 3.27 -3.95
N PRO A 196 -24.66 4.19 -3.04
CA PRO A 196 -24.53 3.89 -1.61
C PRO A 196 -25.57 2.87 -1.19
N ARG A 197 -25.12 1.83 -0.50
CA ARG A 197 -26.01 0.75 -0.09
C ARG A 197 -25.32 -0.17 0.93
N PRO A 203 -33.02 -0.61 0.06
CA PRO A 203 -33.72 -0.02 -1.07
C PRO A 203 -34.80 0.96 -0.61
N GLU A 204 -36.06 0.50 -0.61
CA GLU A 204 -37.24 1.25 -0.16
C GLU A 204 -37.56 2.40 -1.12
N PRO A 205 -38.84 2.76 -1.27
CA PRO A 205 -39.19 3.80 -2.26
C PRO A 205 -39.54 5.15 -1.66
N GLY A 206 -40.32 5.17 -0.58
CA GLY A 206 -40.69 6.41 0.06
C GLY A 206 -39.72 6.88 1.13
N ARG A 207 -38.57 6.23 1.27
CA ARG A 207 -37.62 6.60 2.30
C ARG A 207 -36.67 7.68 1.81
N ARG A 208 -36.18 8.49 2.73
CA ARG A 208 -35.30 9.59 2.41
C ARG A 208 -33.90 9.29 2.91
N TYR A 209 -32.92 9.46 2.04
CA TYR A 209 -31.52 9.21 2.37
C TYR A 209 -30.73 10.49 2.19
N GLY A 210 -29.59 10.55 2.86
CA GLY A 210 -28.77 11.74 2.82
C GLY A 210 -27.31 11.42 3.03
N VAL A 211 -26.47 12.41 2.75
CA VAL A 211 -25.06 12.31 3.06
C VAL A 211 -24.51 13.72 3.29
N ARG A 212 -23.55 13.81 4.20
CA ARG A 212 -22.89 15.07 4.49
C ARG A 212 -21.67 15.22 3.60
N LEU A 213 -21.59 16.36 2.93
CA LEU A 213 -20.43 16.72 2.13
C LEU A 213 -20.05 18.14 2.53
N TRP A 214 -18.80 18.33 2.96
CA TRP A 214 -18.37 19.58 3.56
C TRP A 214 -19.35 19.99 4.66
N ASP A 215 -19.96 21.17 4.54
CA ASP A 215 -20.96 21.62 5.49
C ASP A 215 -22.38 21.48 4.94
N LEU A 216 -22.58 20.56 4.01
CA LEU A 216 -23.87 20.40 3.36
C LEU A 216 -24.52 19.09 3.79
N ASP A 217 -25.85 19.07 3.73
CA ASP A 217 -26.64 17.86 3.81
C ASP A 217 -27.35 17.69 2.48
N VAL A 218 -27.09 16.58 1.79
CA VAL A 218 -27.67 16.30 0.48
C VAL A 218 -28.75 15.25 0.66
N HIS A 219 -29.92 15.48 0.09
CA HIS A 219 -31.05 14.58 0.26
C HIS A 219 -31.46 13.96 -1.06
N TRP A 220 -31.79 12.67 -1.03
CA TRP A 220 -32.18 11.97 -2.24
C TRP A 220 -33.09 10.79 -1.86
N HIS A 221 -33.63 10.15 -2.88
CA HIS A 221 -34.47 8.97 -2.71
C HIS A 221 -34.42 8.14 -3.98
N TYR A 222 -35.12 7.01 -3.96
CA TYR A 222 -35.17 6.06 -5.06
C TYR A 222 -36.58 6.05 -5.65
N PRO A 223 -36.88 6.91 -6.61
CA PRO A 223 -38.19 6.83 -7.28
C PRO A 223 -38.41 5.47 -7.92
N ARG A 224 -37.36 4.84 -8.42
CA ARG A 224 -37.35 3.48 -8.91
C ARG A 224 -36.12 2.78 -8.33
N PRO A 225 -36.13 1.45 -8.29
CA PRO A 225 -34.96 0.74 -7.74
C PRO A 225 -33.66 0.97 -8.48
N ASP A 226 -33.71 1.45 -9.73
CA ASP A 226 -32.50 1.67 -10.51
C ASP A 226 -32.29 3.15 -10.83
N LEU A 227 -32.84 4.03 -10.00
CA LEU A 227 -32.75 5.46 -10.26
C LEU A 227 -32.71 6.21 -8.94
N ILE A 228 -31.69 7.06 -8.79
CA ILE A 228 -31.58 7.96 -7.66
C ILE A 228 -31.99 9.35 -8.14
N ARG A 229 -32.78 10.04 -7.32
CA ARG A 229 -33.18 11.41 -7.61
C ARG A 229 -32.69 12.30 -6.48
N VAL A 230 -31.87 13.29 -6.81
CA VAL A 230 -31.35 14.22 -5.82
C VAL A 230 -32.45 15.25 -5.53
N LEU A 231 -32.84 15.35 -4.27
CA LEU A 231 -33.97 16.18 -3.87
C LEU A 231 -33.56 17.57 -3.42
N ASP A 232 -32.57 17.67 -2.54
CA ASP A 232 -32.29 18.95 -1.88
C ASP A 232 -30.86 18.97 -1.38
N VAL A 233 -30.28 20.17 -1.39
CA VAL A 233 -28.94 20.41 -0.83
C VAL A 233 -29.07 21.56 0.17
N ALA A 234 -28.77 21.28 1.43
CA ALA A 234 -28.93 22.26 2.50
C ALA A 234 -27.60 22.54 3.16
N GLY A 235 -27.48 23.73 3.75
CA GLY A 235 -26.27 24.14 4.43
C GLY A 235 -26.25 25.63 4.70
N MET B 7 -0.42 13.97 19.49
CA MET B 7 -1.06 12.65 19.55
C MET B 7 -0.04 11.55 19.31
N THR B 8 -0.11 10.49 20.11
CA THR B 8 0.72 9.32 19.95
C THR B 8 -0.16 8.09 19.95
N HIS B 9 0.21 7.12 19.12
CA HIS B 9 -0.52 5.87 18.96
C HIS B 9 0.48 4.73 19.04
N SER B 10 0.16 3.72 19.83
CA SER B 10 1.05 2.60 20.04
C SER B 10 0.65 1.46 19.13
N VAL B 11 1.63 0.91 18.42
CA VAL B 11 1.44 -0.26 17.59
C VAL B 11 2.37 -1.36 18.10
N SER B 12 1.97 -2.60 17.86
CA SER B 12 2.75 -3.77 18.25
C SER B 12 2.66 -4.78 17.13
N PRO B 13 3.72 -5.56 16.89
CA PRO B 13 3.71 -6.49 15.76
C PRO B 13 2.67 -7.58 15.92
N ILE B 14 2.00 -7.90 14.81
CA ILE B 14 1.18 -9.10 14.75
C ILE B 14 2.00 -10.34 14.43
N GLY B 15 3.23 -10.17 13.98
CA GLY B 15 4.08 -11.30 13.65
C GLY B 15 5.42 -10.82 13.14
N TYR B 16 6.29 -11.78 12.86
CA TYR B 16 7.65 -11.50 12.42
C TYR B 16 7.98 -12.29 11.17
N ILE B 17 8.83 -11.71 10.31
CA ILE B 17 9.21 -12.31 9.05
C ILE B 17 10.42 -13.23 9.25
N ARG B 18 10.36 -14.43 8.68
CA ARG B 18 11.53 -15.28 8.49
C ARG B 18 11.89 -15.22 7.01
N SER B 19 13.09 -14.75 6.69
CA SER B 19 13.41 -14.30 5.33
C SER B 19 14.70 -14.94 4.79
N CYS B 20 14.70 -15.19 3.47
CA CYS B 20 15.94 -15.44 2.74
C CYS B 20 17.00 -14.35 2.98
N PHE B 21 16.60 -13.08 3.04
CA PHE B 21 17.56 -11.98 3.04
C PHE B 21 18.06 -11.67 4.44
N MET B 22 19.39 -11.62 4.60
CA MET B 22 20.02 -11.24 5.88
C MET B 22 20.66 -9.87 5.84
N GLU B 23 20.84 -9.29 4.65
CA GLU B 23 21.42 -7.97 4.52
C GLU B 23 20.69 -7.20 3.42
N LYS B 24 20.81 -5.88 3.48
CA LYS B 24 20.04 -5.01 2.59
C LYS B 24 20.60 -4.97 1.17
N PHE B 25 21.84 -5.41 0.97
CA PHE B 25 22.54 -5.17 -0.28
C PHE B 25 21.89 -5.83 -1.50
N ALA B 26 21.87 -7.16 -1.56
CA ALA B 26 21.35 -7.83 -2.74
C ALA B 26 19.83 -7.98 -2.76
N ILE B 27 19.10 -7.34 -1.87
CA ILE B 27 17.64 -7.38 -1.97
C ILE B 27 17.21 -6.69 -3.26
N PRO B 28 16.53 -7.42 -4.16
CA PRO B 28 16.25 -6.88 -5.49
C PRO B 28 15.36 -5.64 -5.47
N ARG B 29 15.63 -4.74 -6.40
CA ARG B 29 14.83 -3.52 -6.51
C ARG B 29 13.42 -3.81 -7.02
N GLN B 30 13.25 -4.91 -7.78
CA GLN B 30 11.95 -5.35 -8.26
C GLN B 30 11.69 -6.74 -7.71
N PRO B 31 11.27 -6.85 -6.44
CA PRO B 31 11.17 -8.18 -5.80
C PRO B 31 10.14 -9.09 -6.45
N LEU B 32 9.08 -8.55 -7.05
CA LEU B 32 8.09 -9.41 -7.66
C LEU B 32 8.62 -10.10 -8.92
N LEU B 33 9.75 -9.67 -9.45
CA LEU B 33 10.44 -10.42 -10.49
C LEU B 33 11.40 -11.45 -9.91
N ALA B 34 11.46 -11.59 -8.58
CA ALA B 34 12.29 -12.59 -7.92
C ALA B 34 11.39 -13.54 -7.13
N PRO B 35 10.65 -14.41 -7.83
CA PRO B 35 9.74 -15.32 -7.13
C PRO B 35 10.45 -16.30 -6.22
N ALA B 36 11.74 -16.55 -6.42
CA ALA B 36 12.49 -17.42 -5.53
C ALA B 36 12.83 -16.76 -4.21
N ALA B 37 12.64 -15.45 -4.07
CA ALA B 37 12.81 -14.76 -2.80
C ALA B 37 11.65 -15.10 -1.88
N ARG B 38 11.81 -16.11 -1.04
CA ARG B 38 10.71 -16.64 -0.26
C ARG B 38 10.94 -16.39 1.23
N GLY B 39 9.83 -16.38 1.96
CA GLY B 39 9.88 -16.21 3.40
C GLY B 39 8.54 -16.56 4.00
N THR B 40 8.49 -16.55 5.32
CA THR B 40 7.25 -16.82 6.03
C THR B 40 6.98 -15.69 7.01
N LEU B 41 5.70 -15.46 7.28
CA LEU B 41 5.25 -14.55 8.32
C LEU B 41 4.71 -15.40 9.47
N GLU B 42 5.44 -15.44 10.58
CA GLU B 42 5.04 -16.19 11.77
C GLU B 42 4.18 -15.27 12.64
N LEU B 43 2.91 -15.63 12.78
CA LEU B 43 1.94 -14.78 13.47
C LEU B 43 2.01 -14.94 14.98
N LEU B 44 1.79 -13.83 15.69
CA LEU B 44 1.85 -13.78 17.14
C LEU B 44 0.59 -14.39 17.77
N PRO B 45 0.68 -14.77 19.05
CA PRO B 45 -0.33 -15.64 19.68
C PRO B 45 -1.77 -15.18 19.54
N PRO B 46 -2.09 -13.89 19.45
CA PRO B 46 -3.52 -13.57 19.30
C PRO B 46 -4.05 -13.91 17.92
N PHE B 47 -3.30 -13.56 16.88
CA PHE B 47 -3.68 -13.70 15.48
C PHE B 47 -3.20 -14.99 14.84
N ASP B 48 -2.74 -15.96 15.62
CA ASP B 48 -2.22 -17.21 15.09
C ASP B 48 -3.30 -18.26 14.88
N GLN B 49 -4.56 -17.84 14.77
CA GLN B 49 -5.68 -18.74 14.53
C GLN B 49 -6.14 -18.60 13.09
N VAL B 50 -6.44 -19.74 12.45
CA VAL B 50 -6.81 -19.74 11.04
C VAL B 50 -8.04 -18.87 10.79
N GLU B 51 -8.83 -18.59 11.83
CA GLU B 51 -10.00 -17.74 11.67
C GLU B 51 -9.63 -16.37 11.12
N ALA B 52 -8.51 -15.80 11.58
CA ALA B 52 -8.10 -14.48 11.14
C ALA B 52 -7.66 -14.46 9.68
N LEU B 53 -7.50 -15.61 9.04
CA LEU B 53 -7.02 -15.70 7.67
C LEU B 53 -8.07 -16.13 6.66
N GLU B 54 -9.27 -16.51 7.12
CA GLU B 54 -10.26 -17.09 6.24
C GLU B 54 -10.62 -16.14 5.11
N GLY B 55 -10.57 -16.65 3.88
CA GLY B 55 -10.82 -15.88 2.69
C GLY B 55 -9.58 -15.58 1.88
N LEU B 56 -8.40 -15.59 2.50
CA LEU B 56 -7.16 -15.34 1.78
C LEU B 56 -6.86 -16.43 0.75
N GLU B 57 -7.55 -17.57 0.81
CA GLU B 57 -7.40 -18.59 -0.22
C GLU B 57 -7.83 -18.08 -1.59
N GLN B 58 -8.57 -16.97 -1.64
CA GLN B 58 -9.01 -16.37 -2.89
C GLN B 58 -8.23 -15.11 -3.22
N VAL B 59 -7.13 -14.85 -2.49
CA VAL B 59 -6.32 -13.66 -2.65
C VAL B 59 -4.90 -14.07 -2.98
N SER B 60 -4.36 -13.56 -4.08
CA SER B 60 -3.02 -13.95 -4.52
C SER B 60 -1.92 -13.11 -3.90
N HIS B 61 -2.18 -11.84 -3.59
CA HIS B 61 -1.16 -10.94 -3.09
C HIS B 61 -1.68 -10.19 -1.87
N VAL B 62 -0.77 -9.89 -0.95
CA VAL B 62 -1.09 -9.17 0.27
C VAL B 62 -0.12 -8.03 0.48
N TRP B 63 -0.62 -6.92 1.01
CA TRP B 63 0.23 -5.86 1.51
C TRP B 63 0.66 -6.21 2.93
N LEU B 64 1.92 -5.95 3.23
CA LEU B 64 2.43 -6.04 4.60
C LEU B 64 2.89 -4.66 5.01
N LEU B 65 2.33 -4.14 6.11
CA LEU B 65 2.87 -2.97 6.78
C LEU B 65 3.77 -3.44 7.91
N PHE B 66 4.98 -2.91 7.96
CA PHE B 66 6.00 -3.42 8.85
C PHE B 66 6.85 -2.27 9.39
N LEU B 67 7.72 -2.60 10.34
CA LEU B 67 8.65 -1.64 10.92
C LEU B 67 10.03 -1.84 10.33
N PHE B 68 10.67 -0.75 9.91
CA PHE B 68 12.05 -0.81 9.43
C PHE B 68 13.00 -1.00 10.60
N HIS B 69 13.04 -2.21 11.17
CA HIS B 69 13.80 -2.41 12.40
C HIS B 69 15.31 -2.35 12.20
N GLN B 70 15.81 -2.63 11.00
CA GLN B 70 17.24 -2.52 10.72
C GLN B 70 17.61 -1.20 10.05
N ALA B 71 16.84 -0.15 10.29
CA ALA B 71 17.11 1.17 9.74
C ALA B 71 17.72 2.01 10.86
N LEU B 72 19.03 1.87 11.03
CA LEU B 72 19.73 2.56 12.10
C LEU B 72 20.93 3.33 11.56
N LEU B 78 14.67 12.21 9.61
CA LEU B 78 15.20 12.08 8.27
C LEU B 78 14.24 12.64 7.23
N LYS B 79 14.50 13.87 6.77
CA LYS B 79 13.60 14.57 5.86
C LYS B 79 14.12 14.67 4.43
N VAL B 80 15.44 14.69 4.24
CA VAL B 80 16.04 14.76 2.91
C VAL B 80 16.88 13.52 2.64
N ARG B 81 16.96 13.15 1.36
CA ARG B 81 17.68 11.95 0.93
C ARG B 81 18.54 12.30 -0.27
N PRO B 82 19.85 12.11 -0.14
CA PRO B 82 20.80 12.43 -1.21
C PRO B 82 21.22 11.18 -1.97
N LEU B 91 16.18 14.91 -3.13
CA LEU B 91 14.88 14.25 -3.03
C LEU B 91 14.29 14.34 -1.63
N GLY B 92 13.06 14.85 -1.55
CA GLY B 92 12.34 14.85 -0.28
C GLY B 92 11.95 13.44 0.15
N VAL B 93 11.96 13.22 1.47
CA VAL B 93 11.69 11.89 2.00
C VAL B 93 10.33 11.37 1.52
N PHE B 94 9.34 12.25 1.42
CA PHE B 94 8.00 11.82 1.03
C PHE B 94 7.86 11.57 -0.45
N ALA B 95 8.88 11.87 -1.24
CA ALA B 95 8.90 11.51 -2.65
C ALA B 95 9.63 10.20 -2.90
N THR B 96 10.05 9.50 -1.85
CA THR B 96 10.84 8.28 -1.97
C THR B 96 10.25 7.18 -1.08
N ARG B 97 10.75 5.97 -1.30
CA ARG B 97 10.46 4.83 -0.45
C ARG B 97 11.58 4.53 0.54
N ALA B 98 12.31 5.57 0.94
CA ALA B 98 13.45 5.41 1.84
C ALA B 98 13.06 4.70 3.12
N THR B 99 14.01 3.95 3.69
CA THR B 99 13.77 3.20 4.90
C THR B 99 13.89 4.06 6.16
N HIS B 100 14.58 5.21 6.07
CA HIS B 100 14.69 6.14 7.19
C HIS B 100 13.67 7.25 6.95
N ARG B 101 12.53 7.18 7.62
CA ARG B 101 11.42 8.09 7.37
C ARG B 101 10.62 8.24 8.65
N PRO B 102 9.82 9.31 8.76
CA PRO B 102 8.98 9.48 9.95
C PRO B 102 8.11 8.25 10.22
N ASN B 103 8.04 7.87 11.49
CA ASN B 103 7.23 6.76 11.97
C ASN B 103 7.75 5.39 11.54
N GLY B 104 8.66 5.36 10.57
CA GLY B 104 9.40 4.15 10.26
C GLY B 104 8.57 2.95 9.84
N ILE B 105 7.55 3.16 9.03
CA ILE B 105 6.66 2.09 8.57
C ILE B 105 6.94 1.82 7.10
N GLY B 106 7.13 0.55 6.77
CA GLY B 106 7.31 0.13 5.39
C GLY B 106 6.04 -0.51 4.83
N GLN B 107 5.98 -0.58 3.50
CA GLN B 107 4.79 -1.08 2.82
C GLN B 107 5.22 -1.89 1.60
N SER B 108 4.94 -3.19 1.61
CA SER B 108 5.34 -4.04 0.50
C SER B 108 4.19 -4.95 0.10
N VAL B 109 4.05 -5.18 -1.19
CA VAL B 109 3.11 -6.17 -1.71
C VAL B 109 3.90 -7.40 -2.11
N VAL B 110 3.54 -8.55 -1.53
CA VAL B 110 4.22 -9.81 -1.81
C VAL B 110 3.16 -10.82 -2.24
N ARG B 111 3.60 -11.86 -2.93
CA ARG B 111 2.68 -12.91 -3.34
C ARG B 111 2.47 -13.90 -2.21
N LEU B 112 1.20 -14.27 -2.01
CA LEU B 112 0.83 -15.21 -0.95
C LEU B 112 0.78 -16.60 -1.57
N GLU B 113 1.72 -17.45 -1.16
CA GLU B 113 1.79 -18.82 -1.70
C GLU B 113 0.86 -19.78 -0.99
N GLY B 114 0.48 -19.48 0.24
CA GLY B 114 -0.36 -20.35 1.03
C GLY B 114 -0.31 -19.94 2.48
N PHE B 115 -1.16 -20.59 3.27
CA PHE B 115 -1.23 -20.22 4.67
C PHE B 115 -1.82 -21.37 5.49
N GLU B 116 -1.54 -21.32 6.79
CA GLU B 116 -2.17 -22.19 7.77
C GLU B 116 -2.37 -21.36 9.03
N ALA B 117 -2.82 -22.01 10.10
CA ALA B 117 -2.98 -21.35 11.39
C ALA B 117 -1.67 -20.73 11.87
N GLY B 118 -1.61 -19.41 11.88
CA GLY B 118 -0.44 -18.73 12.42
C GLY B 118 0.76 -18.69 11.50
N ARG B 119 0.58 -18.83 10.19
CA ARG B 119 1.72 -18.74 9.29
C ARG B 119 1.26 -18.41 7.88
N LEU B 120 1.93 -17.47 7.25
CA LEU B 120 1.77 -17.16 5.84
C LEU B 120 3.05 -17.55 5.11
N TRP B 121 2.90 -18.18 3.95
CA TRP B 121 4.02 -18.50 3.07
C TRP B 121 4.06 -17.45 1.97
N LEU B 122 5.21 -16.78 1.84
CA LEU B 122 5.33 -15.62 0.98
C LEU B 122 6.40 -15.85 -0.09
N SER B 123 6.22 -15.16 -1.23
CA SER B 123 7.14 -15.24 -2.35
C SER B 123 7.37 -13.84 -2.89
N GLY B 124 8.54 -13.62 -3.47
CA GLY B 124 8.87 -12.32 -4.03
C GLY B 124 8.98 -11.22 -3.00
N ILE B 125 9.51 -11.54 -1.82
CA ILE B 125 9.58 -10.58 -0.73
C ILE B 125 10.79 -9.67 -0.88
N ASP B 126 10.73 -8.50 -0.23
CA ASP B 126 11.86 -7.60 -0.11
C ASP B 126 12.15 -7.27 1.35
N LEU B 127 11.76 -8.18 2.26
CA LEU B 127 11.82 -7.92 3.69
C LEU B 127 13.01 -8.61 4.34
N LEU B 128 13.66 -7.90 5.25
CA LEU B 128 14.79 -8.47 5.99
C LEU B 128 14.32 -9.52 6.98
N ASP B 129 15.19 -10.48 7.25
CA ASP B 129 14.90 -11.48 8.27
C ASP B 129 14.64 -10.79 9.60
N GLY B 130 13.62 -11.26 10.31
CA GLY B 130 13.24 -10.67 11.58
C GLY B 130 12.37 -9.43 11.51
N THR B 131 11.86 -9.08 10.34
CA THR B 131 11.08 -7.85 10.19
C THR B 131 9.77 -7.93 10.96
N PRO B 132 9.49 -7.00 11.88
CA PRO B 132 8.20 -7.00 12.57
C PRO B 132 7.10 -6.46 11.67
N VAL B 133 6.03 -7.24 11.51
CA VAL B 133 4.91 -6.87 10.66
C VAL B 133 3.78 -6.34 11.52
N LEU B 134 3.16 -5.24 11.08
CA LEU B 134 2.08 -4.60 11.81
C LEU B 134 0.70 -4.97 11.29
N ASP B 135 0.58 -5.30 10.01
CA ASP B 135 -0.74 -5.50 9.41
C ASP B 135 -0.59 -6.33 8.15
N ILE B 136 -1.67 -7.06 7.82
CA ILE B 136 -1.82 -7.74 6.54
C ILE B 136 -3.07 -7.18 5.88
N LYS B 137 -2.93 -6.70 4.64
CA LYS B 137 -4.07 -6.28 3.86
C LYS B 137 -4.08 -7.02 2.54
N PRO B 138 -5.24 -7.51 2.09
CA PRO B 138 -5.28 -8.13 0.77
C PRO B 138 -5.10 -7.08 -0.32
N TYR B 139 -4.33 -7.44 -1.34
CA TYR B 139 -4.20 -6.58 -2.50
C TYR B 139 -5.49 -6.61 -3.30
N VAL B 140 -6.04 -5.43 -3.59
CA VAL B 140 -7.30 -5.30 -4.29
C VAL B 140 -7.05 -4.61 -5.63
N PRO B 141 -7.06 -5.35 -6.74
CA PRO B 141 -6.56 -4.78 -8.01
C PRO B 141 -7.28 -3.53 -8.45
N TYR B 142 -8.60 -3.51 -8.44
CA TYR B 142 -9.31 -2.32 -8.92
C TYR B 142 -9.02 -1.09 -8.07
N ALA B 143 -8.54 -1.27 -6.84
CA ALA B 143 -8.24 -0.15 -5.96
C ALA B 143 -6.75 0.16 -5.84
N ASP B 144 -5.88 -0.86 -5.92
CA ASP B 144 -4.45 -0.68 -5.70
C ASP B 144 -3.64 -0.57 -6.98
N ALA B 145 -4.14 -1.08 -8.10
CA ALA B 145 -3.43 -1.04 -9.38
C ALA B 145 -3.96 0.15 -10.16
N VAL B 146 -3.25 1.27 -10.09
CA VAL B 146 -3.67 2.51 -10.75
C VAL B 146 -3.02 2.55 -12.13
N ALA B 147 -3.84 2.31 -13.17
CA ALA B 147 -3.29 2.22 -14.53
C ALA B 147 -2.75 3.56 -15.00
N ASP B 148 -3.39 4.66 -14.61
CA ASP B 148 -2.95 5.98 -15.06
C ASP B 148 -1.79 6.53 -14.23
N ALA B 149 -1.29 5.78 -13.26
CA ALA B 149 -0.23 6.29 -12.39
C ALA B 149 1.06 6.48 -13.17
N ARG B 150 1.72 7.61 -12.94
CA ARG B 150 3.03 7.88 -13.51
C ARG B 150 3.98 8.29 -12.40
N ASN B 151 5.27 7.96 -12.60
CA ASN B 151 6.31 8.29 -11.62
C ASN B 151 7.61 8.48 -12.39
N GLY B 152 8.02 9.74 -12.55
CA GLY B 152 9.27 10.02 -13.23
C GLY B 152 10.50 9.81 -12.37
N ILE B 153 10.35 9.84 -11.05
CA ILE B 153 11.46 9.61 -10.16
C ILE B 153 11.79 8.12 -10.07
N ALA B 154 10.81 7.26 -10.25
CA ALA B 154 11.03 5.82 -10.16
C ALA B 154 11.48 5.25 -11.51
N PRO B 157 13.77 1.56 -13.84
CA PRO B 157 14.46 0.42 -13.23
C PRO B 157 15.41 -0.29 -14.20
N PRO B 158 16.57 -0.71 -13.71
CA PRO B 158 17.58 -1.27 -14.59
C PRO B 158 17.07 -2.54 -15.25
N PRO B 159 17.51 -2.81 -16.48
CA PRO B 159 16.98 -3.98 -17.20
C PRO B 159 17.46 -5.31 -16.65
N GLY B 160 18.67 -5.38 -16.10
CA GLY B 160 19.13 -6.66 -15.60
C GLY B 160 20.36 -7.20 -16.31
N ILE B 161 21.29 -7.76 -15.53
CA ILE B 161 22.54 -8.28 -16.07
C ILE B 161 22.42 -9.78 -16.28
N ALA B 162 23.19 -10.28 -17.23
CA ALA B 162 23.28 -11.71 -17.46
C ALA B 162 24.05 -12.36 -16.31
N VAL B 163 23.64 -13.56 -15.92
CA VAL B 163 24.27 -14.29 -14.84
C VAL B 163 24.75 -15.63 -15.38
N GLU B 164 26.00 -15.94 -15.10
CA GLU B 164 26.64 -17.19 -15.49
C GLU B 164 27.14 -17.90 -14.23
N TRP B 165 27.30 -19.21 -14.33
CA TRP B 165 27.63 -20.05 -13.18
C TRP B 165 28.94 -20.76 -13.41
N SER B 166 29.82 -20.74 -12.41
CA SER B 166 30.86 -21.75 -12.35
C SER B 166 30.22 -23.11 -12.10
N GLU B 167 30.80 -24.14 -12.70
CA GLU B 167 30.27 -25.50 -12.52
C GLU B 167 30.23 -25.90 -11.05
N GLN B 168 31.24 -25.48 -10.28
CA GLN B 168 31.27 -25.77 -8.86
C GLN B 168 30.10 -25.11 -8.14
N ALA B 169 29.85 -23.83 -8.44
CA ALA B 169 28.79 -23.11 -7.73
C ALA B 169 27.41 -23.66 -8.08
N ARG B 170 27.20 -24.08 -9.32
CA ARG B 170 25.92 -24.68 -9.70
C ARG B 170 25.66 -25.94 -8.90
N ARG B 171 26.68 -26.80 -8.75
CA ARG B 171 26.51 -28.01 -7.94
C ARG B 171 26.25 -27.65 -6.48
N GLN B 172 26.96 -26.64 -5.96
CA GLN B 172 26.77 -26.24 -4.57
C GLN B 172 25.39 -25.64 -4.34
N ALA B 173 24.91 -24.84 -5.29
CA ALA B 173 23.58 -24.25 -5.14
C ALA B 173 22.52 -25.32 -5.13
N HIS B 174 22.74 -26.40 -5.89
CA HIS B 174 21.76 -27.48 -5.93
C HIS B 174 21.77 -28.26 -4.62
N GLU B 175 22.97 -28.60 -4.13
CA GLU B 175 23.07 -29.33 -2.87
C GLU B 175 22.44 -28.54 -1.74
N HIS B 176 22.79 -27.26 -1.62
CA HIS B 176 22.21 -26.46 -0.55
C HIS B 176 20.73 -26.20 -0.79
N GLY B 177 20.29 -26.19 -2.05
CA GLY B 177 18.87 -26.08 -2.34
C GLY B 177 18.09 -27.30 -1.87
N GLN B 178 18.71 -28.48 -1.95
CA GLN B 178 18.05 -29.68 -1.42
C GLN B 178 18.03 -29.65 0.10
N ARG B 179 19.15 -29.29 0.72
CA ARG B 179 19.24 -29.25 2.17
C ARG B 179 18.26 -28.23 2.76
N LEU B 180 18.24 -27.02 2.22
CA LEU B 180 17.38 -25.97 2.73
C LEU B 180 15.94 -26.08 2.23
N ARG B 181 15.67 -26.93 1.25
CA ARG B 181 14.36 -26.99 0.60
C ARG B 181 13.93 -25.62 0.08
N GLN B 182 14.87 -24.92 -0.56
CA GLN B 182 14.60 -23.63 -1.16
C GLN B 182 15.16 -23.61 -2.57
N PRO B 183 14.59 -22.79 -3.45
CA PRO B 183 15.17 -22.63 -4.80
C PRO B 183 16.40 -21.73 -4.72
N VAL B 184 17.50 -22.32 -4.23
CA VAL B 184 18.71 -21.55 -3.97
C VAL B 184 19.30 -21.02 -5.27
N ALA B 185 19.45 -21.88 -6.28
CA ALA B 185 20.02 -21.44 -7.54
C ALA B 185 19.18 -20.34 -8.17
N GLU B 186 17.86 -20.50 -8.17
CA GLU B 186 16.98 -19.49 -8.73
C GLU B 186 17.06 -18.18 -7.95
N LEU B 187 17.12 -18.26 -6.62
CA LEU B 187 17.21 -17.03 -5.83
C LEU B 187 18.51 -16.29 -6.12
N ILE B 188 19.63 -17.03 -6.14
CA ILE B 188 20.92 -16.42 -6.43
C ILE B 188 20.88 -15.74 -7.79
N GLU B 189 20.33 -16.42 -8.80
CA GLU B 189 20.28 -15.85 -10.14
C GLU B 189 19.38 -14.61 -10.18
N GLN B 190 18.23 -14.66 -9.51
CA GLN B 190 17.29 -13.55 -9.60
C GLN B 190 17.80 -12.31 -8.87
N CYS B 191 18.57 -12.46 -7.79
CA CYS B 191 19.07 -11.29 -7.11
C CYS B 191 20.30 -10.72 -7.79
N LEU B 192 21.16 -11.58 -8.34
CA LEU B 192 22.35 -11.06 -9.00
C LEU B 192 22.00 -10.40 -10.33
N ALA B 193 20.97 -10.90 -11.01
CA ALA B 193 20.58 -10.31 -12.28
C ALA B 193 20.09 -8.88 -12.12
N GLN B 194 19.65 -8.49 -10.92
CA GLN B 194 19.15 -7.14 -10.69
C GLN B 194 20.24 -6.17 -10.24
N ASP B 195 21.49 -6.40 -10.64
CA ASP B 195 22.59 -5.46 -10.42
C ASP B 195 22.70 -5.01 -8.97
N PRO B 196 23.12 -5.90 -8.05
CA PRO B 196 23.30 -5.46 -6.66
C PRO B 196 24.42 -4.42 -6.54
N PRO B 203 31.89 -1.36 -8.76
CA PRO B 203 31.99 -2.24 -9.92
C PRO B 203 33.45 -2.33 -10.36
N GLU B 204 34.00 -3.55 -10.43
CA GLU B 204 35.41 -3.72 -10.67
C GLU B 204 35.66 -5.14 -11.13
N PRO B 205 36.50 -5.36 -12.14
CA PRO B 205 36.85 -6.72 -12.54
C PRO B 205 37.90 -7.33 -11.63
N GLY B 206 37.87 -8.65 -11.53
CA GLY B 206 38.84 -9.36 -10.71
C GLY B 206 38.43 -9.46 -9.26
N ARG B 207 37.71 -8.46 -8.76
CA ARG B 207 37.34 -8.42 -7.36
C ARG B 207 36.23 -9.43 -7.08
N ARG B 208 36.32 -10.06 -5.91
CA ARG B 208 35.29 -11.01 -5.48
C ARG B 208 34.27 -10.29 -4.60
N TYR B 209 33.00 -10.53 -4.88
CA TYR B 209 31.90 -9.93 -4.14
C TYR B 209 31.14 -11.06 -3.44
N GLY B 210 30.41 -10.70 -2.39
CA GLY B 210 29.69 -11.71 -1.64
C GLY B 210 28.40 -11.17 -1.07
N VAL B 211 27.50 -12.10 -0.74
CA VAL B 211 26.23 -11.77 -0.10
C VAL B 211 25.74 -12.99 0.67
N ARG B 212 25.06 -12.73 1.78
CA ARG B 212 24.47 -13.79 2.58
C ARG B 212 23.02 -14.03 2.16
N LEU B 213 22.69 -15.28 1.86
CA LEU B 213 21.33 -15.70 1.53
C LEU B 213 21.02 -16.93 2.35
N TRP B 214 19.90 -16.89 3.08
CA TRP B 214 19.60 -17.91 4.08
C TRP B 214 20.79 -18.08 5.01
N ASP B 215 21.34 -19.29 5.10
CA ASP B 215 22.55 -19.54 5.88
C ASP B 215 23.78 -19.70 4.99
N LEU B 216 23.76 -19.13 3.79
CA LEU B 216 24.81 -19.32 2.80
C LEU B 216 25.58 -18.03 2.55
N ASP B 217 26.83 -18.20 2.12
CA ASP B 217 27.66 -17.11 1.60
C ASP B 217 27.88 -17.38 0.11
N VAL B 218 27.41 -16.47 -0.74
CA VAL B 218 27.50 -16.61 -2.18
C VAL B 218 28.51 -15.60 -2.71
N HIS B 219 29.45 -16.08 -3.53
CA HIS B 219 30.52 -15.25 -4.07
C HIS B 219 30.42 -15.19 -5.58
N TRP B 220 30.70 -14.02 -6.15
CA TRP B 220 30.58 -13.82 -7.59
C TRP B 220 31.56 -12.74 -8.03
N HIS B 221 31.65 -12.55 -9.34
CA HIS B 221 32.51 -11.52 -9.90
C HIS B 221 31.96 -11.09 -11.25
N TYR B 222 32.64 -10.11 -11.87
CA TYR B 222 32.26 -9.52 -13.14
C TYR B 222 33.31 -9.86 -14.19
N PRO B 223 33.19 -10.98 -14.90
CA PRO B 223 34.14 -11.26 -15.99
C PRO B 223 34.10 -10.18 -17.06
N ARG B 224 32.93 -9.63 -17.32
CA ARG B 224 32.73 -8.49 -18.19
C ARG B 224 31.82 -7.51 -17.48
N PRO B 225 31.84 -6.22 -17.86
CA PRO B 225 30.96 -5.25 -17.20
C PRO B 225 29.49 -5.57 -17.31
N ASP B 226 29.09 -6.44 -18.25
CA ASP B 226 27.70 -6.80 -18.46
C ASP B 226 27.45 -8.28 -18.16
N LEU B 227 28.27 -8.88 -17.31
CA LEU B 227 28.15 -10.31 -17.02
C LEU B 227 28.60 -10.57 -15.59
N ILE B 228 27.74 -11.23 -14.80
CA ILE B 228 28.07 -11.71 -13.47
C ILE B 228 28.29 -13.22 -13.55
N ARG B 229 29.32 -13.71 -12.86
CA ARG B 229 29.60 -15.14 -12.77
C ARG B 229 29.63 -15.55 -11.31
N VAL B 230 28.80 -16.54 -10.96
CA VAL B 230 28.73 -17.06 -9.60
C VAL B 230 29.90 -18.00 -9.37
N LEU B 231 30.68 -17.72 -8.32
CA LEU B 231 31.91 -18.47 -8.10
C LEU B 231 31.70 -19.69 -7.21
N ASP B 232 31.04 -19.49 -6.07
CA ASP B 232 30.93 -20.55 -5.07
C ASP B 232 29.78 -20.23 -4.12
N VAL B 233 29.16 -21.28 -3.59
CA VAL B 233 28.11 -21.17 -2.60
C VAL B 233 28.52 -22.02 -1.40
N ALA B 234 28.72 -21.38 -0.25
CA ALA B 234 29.17 -22.04 0.96
C ALA B 234 28.20 -21.79 2.10
N GLY B 235 28.19 -22.70 3.07
CA GLY B 235 27.33 -22.56 4.23
C GLY B 235 27.20 -23.83 5.06
#